data_9GF2
#
_entry.id   9GF2
#
_cell.length_a   48.563
_cell.length_b   58.157
_cell.length_c   59.258
_cell.angle_alpha   90
_cell.angle_beta   90
_cell.angle_gamma   90
#
_symmetry.space_group_name_H-M   'P 2 21 21'
#
loop_
_entity.id
_entity.type
_entity.pdbx_description
1 polymer CC-Hex2-hen2
2 non-polymer 'PENTAETHYLENE GLYCOL'
3 water water
#
_entity_poly.entity_id   1
_entity_poly.type   'polypeptide(L)'
_entity_poly.pdbx_seq_one_letter_code
;(ACE)GEIAKSLKEIAKSAAAALKEIAWSLKEIAKSLKG(NH2)
;
_entity_poly.pdbx_strand_id   A,B,C,D,E,F
#
# COMPACT_ATOMS: atom_id res chain seq x y z
N LYS A 6 18.93 -14.48 -6.48
CA LYS A 6 17.62 -14.08 -7.05
C LYS A 6 17.63 -12.58 -7.38
N SER A 7 16.86 -12.19 -8.40
CA SER A 7 16.53 -10.81 -8.65
C SER A 7 15.20 -10.46 -7.98
N LEU A 8 15.12 -9.18 -7.69
CA LEU A 8 13.89 -8.53 -7.30
C LEU A 8 13.33 -7.81 -8.51
N LYS A 9 14.03 -7.71 -9.65
CA LYS A 9 13.65 -6.69 -10.65
C LYS A 9 12.24 -6.98 -11.18
N GLU A 10 12.03 -8.25 -11.57
CA GLU A 10 10.82 -8.92 -12.03
C GLU A 10 9.60 -8.70 -11.12
N ILE A 11 9.84 -8.92 -9.83
CA ILE A 11 8.86 -8.85 -8.76
C ILE A 11 8.50 -7.37 -8.59
N ALA A 12 9.52 -6.52 -8.46
CA ALA A 12 9.34 -5.12 -8.20
C ALA A 12 8.64 -4.45 -9.34
N LYS A 13 8.89 -4.89 -10.57
CA LYS A 13 8.12 -4.46 -11.73
C LYS A 13 6.62 -4.82 -11.59
N SER A 14 6.32 -6.04 -11.12
CA SER A 14 4.92 -6.44 -11.02
C SER A 14 4.22 -5.65 -9.90
N ALA A 15 4.96 -5.39 -8.83
CA ALA A 15 4.46 -4.62 -7.70
C ALA A 15 4.15 -3.22 -8.15
N ALA A 16 5.11 -2.58 -8.81
CA ALA A 16 4.93 -1.23 -9.33
C ALA A 16 3.75 -1.16 -10.27
N ALA A 17 3.57 -2.14 -11.12
CA ALA A 17 2.45 -2.13 -12.04
C ALA A 17 1.14 -2.24 -11.27
N ALA A 18 1.11 -3.04 -10.18
CA ALA A 18 -0.11 -3.16 -9.43
C ALA A 18 -0.40 -1.86 -8.73
N LEU A 19 0.66 -1.21 -8.21
CA LEU A 19 0.43 0.00 -7.45
C LEU A 19 -0.07 1.12 -8.37
N LYS A 20 0.34 1.09 -9.62
CA LYS A 20 -0.19 2.08 -10.58
C LYS A 20 -1.64 1.81 -10.86
N GLU A 21 -2.04 0.56 -10.96
CA GLU A 21 -3.45 0.27 -11.15
C GLU A 21 -4.24 0.65 -9.89
N ILE A 22 -3.66 0.41 -8.72
CA ILE A 22 -4.31 0.85 -7.47
C ILE A 22 -4.51 2.38 -7.46
N ALA A 23 -3.47 3.10 -7.87
CA ALA A 23 -3.55 4.55 -7.95
C ALA A 23 -4.64 5.00 -8.87
N TRP A 24 -4.76 4.34 -10.05
CA TRP A 24 -5.78 4.73 -11.00
C TRP A 24 -7.15 4.47 -10.46
N SER A 25 -7.38 3.27 -9.86
CA SER A 25 -8.69 3.05 -9.33
C SER A 25 -9.05 4.03 -8.21
N LEU A 26 -8.10 4.26 -7.33
CA LEU A 26 -8.46 5.21 -6.27
C LEU A 26 -8.74 6.64 -6.76
N LYS A 27 -8.05 7.07 -7.82
CA LYS A 27 -8.42 8.39 -8.39
C LYS A 27 -9.80 8.37 -8.97
N GLU A 28 -10.19 7.25 -9.59
CA GLU A 28 -11.58 7.14 -10.05
C GLU A 28 -12.56 7.12 -8.92
N ILE A 29 -12.24 6.43 -7.81
CA ILE A 29 -13.12 6.50 -6.66
C ILE A 29 -13.21 7.93 -6.15
N ALA A 30 -12.06 8.63 -6.01
CA ALA A 30 -12.09 10.00 -5.50
C ALA A 30 -12.98 10.90 -6.40
N LYS A 31 -12.83 10.72 -7.72
CA LYS A 31 -13.64 11.46 -8.68
C LYS A 31 -15.09 11.12 -8.49
N SER A 32 -15.46 9.86 -8.30
CA SER A 32 -16.87 9.54 -8.14
C SER A 32 -17.41 10.11 -6.86
N LEU A 33 -16.60 10.15 -5.80
CA LEU A 33 -17.17 10.67 -4.57
C LEU A 33 -17.27 12.20 -4.55
N LYS A 34 -16.53 12.88 -5.44
CA LYS A 34 -16.70 14.31 -5.64
C LYS A 34 -18.01 14.61 -6.37
N GLY A 35 -18.61 13.61 -7.03
CA GLY A 35 -19.92 13.75 -7.64
C GLY A 35 -21.07 13.58 -6.62
N GLY B 2 26.51 -0.24 8.35
CA GLY B 2 26.77 1.08 7.74
C GLY B 2 25.58 1.99 8.02
N GLU B 3 25.80 3.32 7.94
CA GLU B 3 24.76 4.34 7.92
C GLU B 3 23.49 3.78 7.28
N ILE B 4 23.63 3.39 6.01
CA ILE B 4 22.54 2.97 5.16
C ILE B 4 21.77 1.82 5.82
N ALA B 5 22.47 0.72 6.10
CA ALA B 5 21.92 -0.44 6.77
C ALA B 5 21.05 -0.01 7.96
N LYS B 6 21.59 0.85 8.85
CA LYS B 6 20.88 1.40 10.01
C LYS B 6 19.70 2.33 9.65
N SER B 7 19.81 2.97 8.48
CA SER B 7 18.66 3.65 7.89
C SER B 7 17.50 2.73 7.50
N LEU B 8 17.76 1.74 6.65
CA LEU B 8 16.74 0.75 6.33
C LEU B 8 16.22 0.05 7.56
N LYS B 9 17.03 -0.07 8.63
CA LYS B 9 16.51 -0.45 9.94
C LYS B 9 15.33 0.46 10.34
N GLU B 10 15.50 1.79 10.24
CA GLU B 10 14.45 2.70 10.68
C GLU B 10 13.29 2.77 9.69
N ILE B 11 13.59 2.67 8.40
CA ILE B 11 12.67 2.94 7.32
C ILE B 11 11.72 1.77 7.23
N ALA B 12 12.27 0.56 7.21
CA ALA B 12 11.48 -0.64 7.01
C ALA B 12 10.53 -0.82 8.19
N LYS B 13 11.00 -0.50 9.37
CA LYS B 13 10.15 -0.44 10.56
C LYS B 13 9.03 0.58 10.42
N SER B 14 9.28 1.78 9.86
CA SER B 14 8.22 2.77 9.72
C SER B 14 7.19 2.30 8.73
N ALA B 15 7.66 1.70 7.64
CA ALA B 15 6.77 1.15 6.63
C ALA B 15 5.86 0.07 7.21
N ALA B 16 6.46 -0.86 7.93
CA ALA B 16 5.73 -1.95 8.53
C ALA B 16 4.71 -1.44 9.52
N ALA B 17 5.10 -0.46 10.36
CA ALA B 17 4.17 0.14 11.28
C ALA B 17 2.99 0.79 10.53
N ALA B 18 3.25 1.41 9.39
CA ALA B 18 2.20 2.14 8.70
C ALA B 18 1.27 1.09 8.12
N LEU B 19 1.82 0.00 7.62
CA LEU B 19 0.99 -0.99 6.97
C LEU B 19 0.08 -1.67 7.99
N LYS B 20 0.56 -1.82 9.20
CA LYS B 20 -0.27 -2.34 10.27
C LYS B 20 -1.40 -1.40 10.59
N GLU B 21 -1.12 -0.09 10.62
CA GLU B 21 -2.21 0.82 10.85
C GLU B 21 -3.20 0.80 9.70
N ILE B 22 -2.68 0.74 8.48
CA ILE B 22 -3.54 0.68 7.31
C ILE B 22 -4.47 -0.54 7.34
N ALA B 23 -3.87 -1.68 7.73
CA ALA B 23 -4.69 -2.91 7.80
C ALA B 23 -5.78 -2.78 8.81
N TRP B 24 -5.43 -2.11 9.92
CA TRP B 24 -6.44 -1.99 10.96
C TRP B 24 -7.53 -1.06 10.61
N SER B 25 -7.20 0.10 10.03
CA SER B 25 -8.27 0.97 9.60
C SER B 25 -9.11 0.31 8.50
N LEU B 26 -8.52 -0.44 7.64
CA LEU B 26 -9.40 -1.10 6.63
C LEU B 26 -10.38 -2.15 7.23
N LYS B 27 -9.98 -2.82 8.29
CA LYS B 27 -10.88 -3.67 9.01
C LYS B 27 -12.02 -2.91 9.58
N GLU B 28 -11.70 -1.70 10.13
CA GLU B 28 -12.78 -0.92 10.69
C GLU B 28 -13.68 -0.40 9.60
N ILE B 29 -13.12 0.03 8.47
CA ILE B 29 -13.94 0.46 7.36
C ILE B 29 -14.81 -0.72 6.86
N ALA B 30 -14.29 -1.92 6.75
CA ALA B 30 -15.10 -3.04 6.27
C ALA B 30 -16.23 -3.33 7.25
N LYS B 31 -15.92 -3.30 8.55
CA LYS B 31 -16.97 -3.42 9.57
C LYS B 31 -18.02 -2.32 9.40
N SER B 32 -17.64 -1.05 9.17
CA SER B 32 -18.60 0.01 9.06
C SER B 32 -19.41 -0.14 7.79
N LEU B 33 -18.83 -0.69 6.72
CA LEU B 33 -19.62 -0.75 5.50
C LEU B 33 -20.52 -1.99 5.49
N LYS B 34 -20.33 -2.92 6.43
CA LYS B 34 -21.19 -4.09 6.56
C LYS B 34 -22.53 -3.58 7.05
N GLY B 35 -22.49 -2.68 8.05
CA GLY B 35 -23.60 -1.80 8.40
C GLY B 35 -23.11 -0.53 9.08
N ALA C 5 21.77 1.87 -3.93
CA ALA C 5 22.03 1.24 -2.62
C ALA C 5 21.73 2.26 -1.50
N LYS C 6 22.39 3.41 -1.54
CA LYS C 6 22.02 4.63 -0.83
C LYS C 6 20.71 5.21 -1.39
N SER C 7 20.48 5.09 -2.71
CA SER C 7 19.30 5.76 -3.25
C SER C 7 18.08 4.84 -3.15
N LEU C 8 18.26 3.53 -3.28
CA LEU C 8 17.25 2.55 -2.91
C LEU C 8 16.69 2.85 -1.51
N LYS C 9 17.60 3.23 -0.59
CA LYS C 9 17.21 3.68 0.73
C LYS C 9 16.38 4.96 0.63
N GLU C 10 16.71 5.91 -0.27
CA GLU C 10 15.94 7.17 -0.35
C GLU C 10 14.57 7.01 -1.00
N ILE C 11 14.44 6.04 -1.88
CA ILE C 11 13.18 5.64 -2.49
C ILE C 11 12.33 4.97 -1.42
N ALA C 12 12.93 4.04 -0.70
CA ALA C 12 12.23 3.31 0.34
C ALA C 12 11.75 4.27 1.43
N LYS C 13 12.55 5.29 1.72
CA LYS C 13 12.11 6.37 2.58
C LYS C 13 10.89 7.11 2.02
N SER C 14 10.84 7.40 0.73
CA SER C 14 9.71 8.11 0.15
C SER C 14 8.45 7.25 0.20
N ALA C 15 8.63 5.96 -0.02
CA ALA C 15 7.54 5.00 0.03
C ALA C 15 6.96 4.97 1.42
N ALA C 16 7.83 4.81 2.40
CA ALA C 16 7.45 4.79 3.80
C ALA C 16 6.71 6.05 4.19
N ALA C 17 7.20 7.20 3.73
CA ALA C 17 6.51 8.45 4.03
C ALA C 17 5.10 8.44 3.42
N ALA C 18 4.94 7.87 2.22
CA ALA C 18 3.63 7.88 1.60
C ALA C 18 2.72 6.93 2.37
N LEU C 19 3.27 5.83 2.83
CA LEU C 19 2.46 4.85 3.55
C LEU C 19 1.94 5.43 4.88
N LYS C 20 2.77 6.27 5.48
CA LYS C 20 2.31 6.99 6.67
C LYS C 20 1.14 7.92 6.37
N GLU C 21 1.23 8.62 5.25
CA GLU C 21 0.08 9.47 4.91
C GLU C 21 -1.13 8.67 4.55
N ILE C 22 -0.94 7.54 3.87
CA ILE C 22 -2.08 6.66 3.56
C ILE C 22 -2.74 6.19 4.86
N ALA C 23 -1.95 5.80 5.83
CA ALA C 23 -2.55 5.42 7.11
C ALA C 23 -3.34 6.52 7.77
N TRP C 24 -2.78 7.76 7.75
CA TRP C 24 -3.51 8.88 8.35
C TRP C 24 -4.82 9.17 7.61
N SER C 25 -4.77 9.19 6.27
CA SER C 25 -6.03 9.36 5.56
C SER C 25 -7.05 8.29 5.88
N LEU C 26 -6.57 7.06 5.94
CA LEU C 26 -7.53 6.00 6.20
C LEU C 26 -8.17 6.09 7.59
N LYS C 27 -7.42 6.60 8.59
CA LYS C 27 -8.05 6.80 9.88
C LYS C 27 -9.14 7.88 9.81
N GLU C 28 -8.94 8.90 8.99
CA GLU C 28 -9.99 9.87 8.82
C GLU C 28 -11.18 9.32 8.06
N ILE C 29 -10.92 8.52 7.03
CA ILE C 29 -12.03 7.84 6.36
C ILE C 29 -12.77 6.91 7.31
N ALA C 30 -12.06 6.17 8.16
CA ALA C 30 -12.75 5.24 9.05
C ALA C 30 -13.60 6.06 10.05
N LYS C 31 -13.07 7.18 10.53
CA LYS C 31 -13.83 8.04 11.42
C LYS C 31 -15.08 8.54 10.71
N SER C 32 -14.99 8.94 9.43
CA SER C 32 -16.17 9.43 8.75
C SER C 32 -17.17 8.32 8.54
N LEU C 33 -16.70 7.11 8.33
CA LEU C 33 -17.68 6.06 8.07
C LEU C 33 -18.30 5.52 9.35
N LYS C 34 -17.75 5.83 10.53
CA LYS C 34 -18.16 5.21 11.81
C LYS C 34 -19.69 5.27 12.09
N GLY C 35 -20.35 6.36 11.74
CA GLY C 35 -21.81 6.48 11.66
C GLY C 35 -22.23 7.48 10.60
N ALA D 5 21.58 0.14 -11.62
CA ALA D 5 20.42 -0.75 -11.82
C ALA D 5 19.17 0.10 -12.15
N LYS D 6 18.43 -0.26 -13.21
CA LYS D 6 17.05 0.13 -13.43
C LYS D 6 16.17 -0.96 -12.84
N SER D 7 16.30 -1.22 -11.52
CA SER D 7 15.57 -2.27 -10.85
C SER D 7 15.43 -1.86 -9.39
N LEU D 8 16.50 -1.96 -8.60
CA LEU D 8 16.56 -1.33 -7.30
C LEU D 8 16.21 0.16 -7.42
N LYS D 9 16.63 0.82 -8.53
CA LYS D 9 16.19 2.15 -8.93
C LYS D 9 15.20 2.04 -10.12
N GLU D 10 14.38 3.09 -10.35
CA GLU D 10 13.77 3.34 -11.63
C GLU D 10 12.39 2.69 -11.60
N ILE D 11 12.33 1.40 -11.36
CA ILE D 11 11.11 0.65 -11.08
C ILE D 11 10.63 1.07 -9.70
N ALA D 12 11.56 1.03 -8.74
CA ALA D 12 11.23 1.37 -7.37
C ALA D 12 10.82 2.83 -7.24
N LYS D 13 11.43 3.69 -8.05
CA LYS D 13 10.99 5.07 -8.15
C LYS D 13 9.54 5.17 -8.65
N SER D 14 9.16 4.38 -9.68
CA SER D 14 7.80 4.45 -10.14
C SER D 14 6.82 3.89 -9.08
N ALA D 15 7.24 2.89 -8.30
CA ALA D 15 6.39 2.33 -7.26
C ALA D 15 6.11 3.38 -6.19
N ALA D 16 7.20 3.96 -5.70
CA ALA D 16 7.12 5.03 -4.73
C ALA D 16 6.23 6.19 -5.20
N ALA D 17 6.37 6.56 -6.46
CA ALA D 17 5.52 7.62 -6.99
C ALA D 17 4.07 7.15 -7.04
N ALA D 18 3.78 5.86 -7.31
CA ALA D 18 2.39 5.41 -7.35
C ALA D 18 1.80 5.51 -5.93
N LEU D 19 2.62 5.26 -4.95
CA LEU D 19 2.21 5.35 -3.56
C LEU D 19 1.88 6.75 -3.14
N LYS D 20 2.67 7.67 -3.62
CA LYS D 20 2.38 9.08 -3.42
C LYS D 20 1.05 9.47 -4.03
N GLU D 21 0.79 8.97 -5.25
CA GLU D 21 -0.50 9.35 -5.77
C GLU D 21 -1.65 8.65 -5.02
N ILE D 22 -1.41 7.42 -4.58
CA ILE D 22 -2.41 6.74 -3.73
C ILE D 22 -2.74 7.55 -2.49
N ALA D 23 -1.69 8.05 -1.84
CA ALA D 23 -1.94 8.93 -0.72
C ALA D 23 -2.69 10.18 -1.04
N TRP D 24 -2.37 10.84 -2.16
CA TRP D 24 -3.16 12.03 -2.56
C TRP D 24 -4.62 11.70 -2.81
N SER D 25 -4.87 10.59 -3.49
CA SER D 25 -6.27 10.26 -3.74
C SER D 25 -6.99 9.89 -2.48
N LEU D 26 -6.32 9.16 -1.58
CA LEU D 26 -7.02 8.86 -0.36
C LEU D 26 -7.34 10.11 0.48
N LYS D 27 -6.45 11.09 0.48
CA LYS D 27 -6.80 12.38 1.15
C LYS D 27 -7.97 13.04 0.49
N GLU D 28 -8.10 12.92 -0.84
CA GLU D 28 -9.25 13.55 -1.48
C GLU D 28 -10.51 12.78 -1.17
N ILE D 29 -10.43 11.44 -1.09
CA ILE D 29 -11.57 10.67 -0.61
C ILE D 29 -11.91 11.10 0.83
N ALA D 30 -10.94 11.19 1.71
CA ALA D 30 -11.24 11.53 3.13
C ALA D 30 -11.94 12.90 3.20
N LYS D 31 -11.39 13.86 2.44
CA LYS D 31 -12.01 15.18 2.34
C LYS D 31 -13.44 15.08 1.82
N SER D 32 -13.71 14.30 0.77
CA SER D 32 -15.08 14.16 0.30
C SER D 32 -15.99 13.52 1.30
N LEU D 33 -15.49 12.57 2.07
CA LEU D 33 -16.41 11.90 2.98
C LEU D 33 -16.63 12.75 4.25
N LYS D 34 -15.79 13.78 4.48
CA LYS D 34 -16.04 14.76 5.56
C LYS D 34 -17.27 15.58 5.10
N GLY D 35 -17.18 16.26 3.95
CA GLY D 35 -18.30 16.82 3.19
C GLY D 35 -19.67 16.29 3.56
N ALA E 5 19.35 -14.37 1.91
CA ALA E 5 19.39 -13.11 1.11
C ALA E 5 18.25 -13.08 0.06
N LYS E 6 18.28 -14.00 -0.91
CA LYS E 6 17.34 -14.00 -2.05
C LYS E 6 16.08 -14.85 -1.78
N SER E 7 15.74 -15.12 -0.51
CA SER E 7 14.40 -15.51 -0.12
C SER E 7 13.50 -14.26 -0.01
N LEU E 8 14.12 -13.08 0.15
CA LEU E 8 13.43 -11.82 -0.02
C LEU E 8 12.73 -11.76 -1.39
N LYS E 9 13.29 -12.42 -2.42
CA LYS E 9 12.58 -12.66 -3.68
C LYS E 9 11.19 -13.27 -3.41
N GLU E 10 11.11 -14.33 -2.61
CA GLU E 10 9.86 -15.05 -2.39
C GLU E 10 8.84 -14.28 -1.54
N ILE E 11 9.32 -13.47 -0.60
CA ILE E 11 8.48 -12.65 0.24
C ILE E 11 7.90 -11.52 -0.62
N ALA E 12 8.78 -10.88 -1.39
CA ALA E 12 8.40 -9.81 -2.27
C ALA E 12 7.45 -10.30 -3.34
N LYS E 13 7.60 -11.55 -3.78
CA LYS E 13 6.61 -12.18 -4.64
C LYS E 13 5.24 -12.26 -3.95
N SER E 14 5.19 -12.65 -2.68
CA SER E 14 3.90 -12.77 -2.01
C SER E 14 3.27 -11.36 -1.78
N ALA E 15 4.11 -10.36 -1.56
CA ALA E 15 3.64 -8.99 -1.46
C ALA E 15 3.00 -8.54 -2.75
N ALA E 16 3.73 -8.71 -3.83
CA ALA E 16 3.22 -8.37 -5.16
C ALA E 16 1.94 -9.13 -5.49
N ALA E 17 1.83 -10.38 -5.10
CA ALA E 17 0.58 -11.10 -5.29
C ALA E 17 -0.57 -10.46 -4.49
N ALA E 18 -0.29 -9.99 -3.29
CA ALA E 18 -1.35 -9.38 -2.52
C ALA E 18 -1.76 -8.06 -3.16
N LEU E 19 -0.78 -7.35 -3.73
CA LEU E 19 -1.07 -6.07 -4.34
C LEU E 19 -1.93 -6.25 -5.56
N LYS E 20 -1.73 -7.35 -6.29
CA LYS E 20 -2.60 -7.65 -7.42
C LYS E 20 -4.00 -7.93 -6.97
N GLU E 21 -4.16 -8.67 -5.87
CA GLU E 21 -5.52 -8.86 -5.39
C GLU E 21 -6.15 -7.53 -4.94
N ILE E 22 -5.33 -6.67 -4.28
CA ILE E 22 -5.81 -5.37 -3.86
C ILE E 22 -6.30 -4.57 -5.09
N ALA E 23 -5.47 -4.56 -6.10
CA ALA E 23 -5.83 -3.85 -7.34
C ALA E 23 -7.11 -4.33 -7.93
N TRP E 24 -7.33 -5.65 -7.89
CA TRP E 24 -8.56 -6.18 -8.46
C TRP E 24 -9.75 -5.76 -7.69
N SER E 25 -9.67 -5.89 -6.33
CA SER E 25 -10.79 -5.46 -5.55
C SER E 25 -11.08 -4.00 -5.74
N LEU E 26 -10.05 -3.19 -5.81
CA LEU E 26 -10.30 -1.77 -6.02
C LEU E 26 -10.99 -1.45 -7.34
N LYS E 27 -10.67 -2.19 -8.39
CA LYS E 27 -11.42 -2.06 -9.64
C LYS E 27 -12.90 -2.32 -9.47
N GLU E 28 -13.21 -3.39 -8.73
CA GLU E 28 -14.62 -3.66 -8.46
C GLU E 28 -15.26 -2.59 -7.62
N ILE E 29 -14.52 -2.09 -6.58
CA ILE E 29 -15.07 -0.99 -5.81
C ILE E 29 -15.31 0.24 -6.68
N ALA E 30 -14.32 0.63 -7.50
CA ALA E 30 -14.52 1.76 -8.39
C ALA E 30 -15.73 1.60 -9.29
N LYS E 31 -15.88 0.39 -9.86
CA LYS E 31 -17.05 0.10 -10.70
C LYS E 31 -18.31 0.28 -9.89
N SER E 32 -18.39 -0.21 -8.65
CA SER E 32 -19.59 -0.08 -7.87
C SER E 32 -19.87 1.36 -7.54
N LEU E 33 -18.83 2.14 -7.33
CA LEU E 33 -19.09 3.52 -6.92
C LEU E 33 -19.42 4.39 -8.13
N LYS E 34 -19.07 3.93 -9.35
CA LYS E 34 -19.10 4.83 -10.51
C LYS E 34 -20.54 5.15 -10.99
N GLY F 2 21.92 -1.38 3.33
CA GLY F 2 21.20 -2.55 2.77
C GLY F 2 21.23 -3.79 3.67
N GLU F 3 22.14 -3.77 4.67
CA GLU F 3 22.38 -4.93 5.54
C GLU F 3 21.00 -5.26 6.10
N ILE F 4 20.33 -6.21 5.43
CA ILE F 4 19.23 -6.94 6.01
C ILE F 4 19.57 -7.36 7.44
N ALA F 5 20.76 -7.99 7.61
CA ALA F 5 21.31 -8.37 8.92
C ALA F 5 20.22 -9.07 9.73
N LYS F 6 19.49 -10.01 9.09
CA LYS F 6 18.38 -10.76 9.67
C LYS F 6 17.03 -10.03 9.47
N SER F 7 16.98 -8.75 9.87
CA SER F 7 15.76 -8.04 10.18
C SER F 7 14.87 -7.71 8.97
N LEU F 8 15.48 -7.12 7.94
CA LEU F 8 14.76 -6.71 6.75
C LEU F 8 13.94 -7.87 6.18
N LYS F 9 14.42 -9.13 6.25
CA LYS F 9 13.54 -10.22 5.80
C LYS F 9 12.31 -10.33 6.71
N GLU F 10 12.43 -10.14 8.03
CA GLU F 10 11.29 -10.26 8.94
C GLU F 10 10.34 -9.06 8.88
N ILE F 11 10.84 -7.88 8.58
CA ILE F 11 10.07 -6.67 8.37
C ILE F 11 9.29 -6.81 7.07
N ALA F 12 9.97 -7.23 6.02
CA ALA F 12 9.35 -7.48 4.72
C ALA F 12 8.29 -8.57 4.81
N LYS F 13 8.53 -9.56 5.65
CA LYS F 13 7.50 -10.56 5.96
C LYS F 13 6.28 -9.91 6.63
N SER F 14 6.47 -8.99 7.57
CA SER F 14 5.33 -8.38 8.25
C SER F 14 4.58 -7.46 7.29
N ALA F 15 5.28 -6.79 6.37
CA ALA F 15 4.68 -5.98 5.35
C ALA F 15 3.79 -6.82 4.43
N ALA F 16 4.37 -7.92 3.92
CA ALA F 16 3.60 -8.85 3.12
C ALA F 16 2.38 -9.38 3.88
N ALA F 17 2.53 -9.69 5.15
CA ALA F 17 1.39 -10.15 5.95
C ALA F 17 0.34 -9.05 6.06
N ALA F 18 0.76 -7.78 6.17
CA ALA F 18 -0.21 -6.71 6.30
C ALA F 18 -0.96 -6.59 4.97
N LEU F 19 -0.25 -6.72 3.87
CA LEU F 19 -0.89 -6.54 2.58
C LEU F 19 -1.91 -7.63 2.33
N LYS F 20 -1.63 -8.83 2.87
CA LYS F 20 -2.59 -9.92 2.72
C LYS F 20 -3.84 -9.60 3.50
N GLU F 21 -3.67 -9.07 4.71
CA GLU F 21 -4.87 -8.67 5.44
C GLU F 21 -5.62 -7.52 4.76
N ILE F 22 -4.87 -6.57 4.22
CA ILE F 22 -5.54 -5.43 3.54
C ILE F 22 -6.33 -5.99 2.31
N ALA F 23 -5.71 -6.94 1.59
CA ALA F 23 -6.47 -7.57 0.47
C ALA F 23 -7.75 -8.22 0.88
N TRP F 24 -7.74 -8.86 2.08
CA TRP F 24 -8.98 -9.50 2.57
C TRP F 24 -10.00 -8.50 2.88
N SER F 25 -9.60 -7.44 3.61
CA SER F 25 -10.60 -6.47 3.93
C SER F 25 -11.17 -5.77 2.70
N LEU F 26 -10.30 -5.51 1.74
CA LEU F 26 -10.84 -4.89 0.52
C LEU F 26 -11.82 -5.77 -0.27
N LYS F 27 -11.62 -7.08 -0.22
CA LYS F 27 -12.64 -7.96 -0.82
C LYS F 27 -13.97 -7.88 -0.10
N GLU F 28 -13.90 -7.70 1.24
CA GLU F 28 -15.16 -7.55 1.98
C GLU F 28 -15.80 -6.26 1.65
N ILE F 29 -14.97 -5.18 1.56
CA ILE F 29 -15.57 -3.91 1.23
C ILE F 29 -16.18 -3.99 -0.19
N ALA F 30 -15.49 -4.59 -1.16
CA ALA F 30 -16.03 -4.65 -2.54
C ALA F 30 -17.41 -5.35 -2.53
N LYS F 31 -17.46 -6.45 -1.81
CA LYS F 31 -18.73 -7.14 -1.58
C LYS F 31 -19.79 -6.25 -0.97
N SER F 32 -19.44 -5.48 0.06
CA SER F 32 -20.42 -4.62 0.69
C SER F 32 -20.91 -3.55 -0.27
N LEU F 33 -20.01 -3.05 -1.13
CA LEU F 33 -20.44 -1.94 -1.94
C LEU F 33 -21.23 -2.43 -3.17
N LYS F 34 -21.14 -3.72 -3.52
CA LYS F 34 -21.88 -4.25 -4.67
C LYS F 34 -23.38 -4.12 -4.41
N GLY F 35 -23.80 -4.31 -3.17
CA GLY F 35 -25.00 -3.65 -2.67
C GLY F 35 -25.06 -3.81 -1.16
#